data_6LT6
#
_entry.id   6LT6
#
_cell.length_a   54.451
_cell.length_b   81.028
_cell.length_c   106.108
_cell.angle_alpha   90.000
_cell.angle_beta   90.000
_cell.angle_gamma   90.000
#
_symmetry.space_group_name_H-M   'P 21 21 21'
#
loop_
_entity.id
_entity.type
_entity.pdbx_description
1 polymer 'MHC class I antigen'
2 polymer Beta-2-microglobulin
3 non-polymer '(2R)-2,3-dihydroxypropyl hexadecanoate'
4 non-polymer 1,2-ETHANEDIOL
5 non-polymer 'SODIUM ION'
6 water water
#
loop_
_entity_poly.entity_id
_entity_poly.type
_entity_poly.pdbx_seq_one_letter_code
_entity_poly.pdbx_strand_id
1 'polypeptide(L)'
;GSHSLRYFGTAVSRPGRGEPRFIYVGYVDDTQFVRFDSDAASPRTEPRAPWVEQEGPEYWEEETRRAKARAQTDRADLRT
LRGYYNQSEAGSHTLQWMAGCDLGPNGRLLRGYHQSAYDGKDYIALNEDLRSWIAADMAAQNTQRKWEATRYAERFRAYL
EGPCLEWLRRYLENGKETLQHADPPKTHVTHHPVSDHEATLRCWALGFYPAEITLTWQRDGEDQTQDIEFVETRPAGDGT
FQKWGAVVVPSGEEQRYTCHVQHKGLPEPLTLRWEP
;
A
2 'polypeptide(L)'
;AIQRTPKIQVYSRHPPENGKPNFLNCYVSGFHPSDIEVDLLKNGEKMGKVEHSDLSFSKDWSFYLLYYTEFTPNEKDEYA
CRVNHVTLSGPRTVKWDRDM
;
B
#
# COMPACT_ATOMS: atom_id res chain seq x y z
N GLY A 1 -15.02 -8.81 -8.98
CA GLY A 1 -14.51 -9.56 -7.84
C GLY A 1 -13.62 -10.72 -8.24
N SER A 2 -12.34 -10.63 -7.88
CA SER A 2 -11.38 -11.69 -8.17
C SER A 2 -10.25 -11.66 -7.16
N HIS A 3 -9.73 -12.84 -6.84
CA HIS A 3 -8.50 -12.92 -6.05
C HIS A 3 -7.28 -12.71 -6.94
N SER A 4 -6.19 -12.29 -6.31
CA SER A 4 -4.98 -11.92 -7.02
C SER A 4 -3.75 -12.35 -6.25
N LEU A 5 -2.74 -12.82 -6.98
CA LEU A 5 -1.38 -12.98 -6.48
C LEU A 5 -0.49 -11.98 -7.21
N ARG A 6 0.28 -11.21 -6.47
CA ARG A 6 1.10 -10.17 -7.06
C ARG A 6 2.40 -10.06 -6.29
N TYR A 7 3.50 -9.93 -7.03
CA TYR A 7 4.80 -9.62 -6.45
C TYR A 7 5.23 -8.24 -6.92
N PHE A 8 5.87 -7.50 -6.02
CA PHE A 8 6.33 -6.15 -6.28
C PHE A 8 7.80 -6.06 -5.89
N GLY A 9 8.55 -5.29 -6.67
CA GLY A 9 9.97 -5.18 -6.43
C GLY A 9 10.47 -3.76 -6.56
N THR A 10 11.37 -3.37 -5.66
CA THR A 10 12.05 -2.09 -5.78
C THR A 10 13.55 -2.35 -5.72
N ALA A 11 14.27 -1.77 -6.68
CA ALA A 11 15.73 -1.83 -6.71
C ALA A 11 16.25 -0.41 -6.82
N VAL A 12 17.13 -0.02 -5.90
CA VAL A 12 17.66 1.32 -5.80
C VAL A 12 19.18 1.25 -5.90
N SER A 13 19.75 1.82 -6.96
CA SER A 13 21.23 1.84 -7.08
C SER A 13 21.82 2.72 -5.98
N ARG A 14 22.99 2.33 -5.48
CA ARG A 14 23.70 3.05 -4.41
C ARG A 14 25.10 3.37 -4.92
N PRO A 15 25.24 4.27 -5.92
CA PRO A 15 26.51 4.58 -6.56
C PRO A 15 27.65 4.85 -5.56
N GLY A 16 28.73 4.10 -5.66
CA GLY A 16 29.86 4.25 -4.74
C GLY A 16 29.70 3.43 -3.48
N ARG A 17 28.55 3.52 -2.80
CA ARG A 17 28.22 2.81 -1.53
C ARG A 17 27.72 1.39 -1.80
N GLY A 18 28.52 0.61 -2.52
CA GLY A 18 28.27 -0.81 -2.83
C GLY A 18 27.13 -1.08 -3.77
N GLU A 19 26.58 -2.26 -3.59
CA GLU A 19 25.48 -2.86 -4.37
C GLU A 19 24.13 -2.18 -4.09
N PRO A 20 23.18 -2.29 -5.01
CA PRO A 20 21.86 -1.70 -4.85
C PRO A 20 21.01 -2.30 -3.72
N ARG A 21 20.00 -1.56 -3.29
CA ARG A 21 19.06 -2.12 -2.30
C ARG A 21 17.90 -2.74 -3.07
N PHE A 22 17.61 -4.00 -2.78
CA PHE A 22 16.51 -4.72 -3.40
C PHE A 22 15.51 -5.04 -2.31
N ILE A 23 14.26 -4.60 -2.48
CA ILE A 23 13.19 -4.94 -1.55
C ILE A 23 12.01 -5.47 -2.34
N TYR A 24 11.66 -6.73 -2.09
CA TYR A 24 10.62 -7.45 -2.81
C TYR A 24 9.53 -7.88 -1.83
N VAL A 25 8.26 -7.74 -2.26
CA VAL A 25 7.13 -8.13 -1.43
C VAL A 25 6.14 -8.89 -2.28
N GLY A 26 5.42 -9.82 -1.67
CA GLY A 26 4.37 -10.56 -2.34
C GLY A 26 3.07 -10.40 -1.59
N TYR A 27 1.96 -10.34 -2.34
CA TYR A 27 0.63 -10.13 -1.79
C TYR A 27 -0.34 -11.17 -2.33
N VAL A 28 -1.25 -11.64 -1.49
CA VAL A 28 -2.53 -12.20 -1.92
C VAL A 28 -3.58 -11.14 -1.61
N ASP A 29 -4.30 -10.68 -2.64
CA ASP A 29 -5.22 -9.56 -2.50
C ASP A 29 -4.53 -8.42 -1.76
N ASP A 30 -5.10 -7.93 -0.66
CA ASP A 30 -4.52 -6.81 0.08
C ASP A 30 -3.66 -7.28 1.25
N THR A 31 -3.25 -8.55 1.25
CA THR A 31 -2.55 -9.17 2.37
C THR A 31 -1.13 -9.52 1.93
N GLN A 32 -0.14 -8.85 2.52
CA GLN A 32 1.25 -9.21 2.25
C GLN A 32 1.57 -10.51 2.95
N PHE A 33 2.33 -11.39 2.29
CA PHE A 33 2.64 -12.68 2.89
C PHE A 33 4.11 -13.09 2.80
N VAL A 34 4.94 -12.42 1.99
CA VAL A 34 6.39 -12.65 2.00
C VAL A 34 7.13 -11.35 1.71
N ARG A 35 8.42 -11.33 2.11
CA ARG A 35 9.35 -10.26 1.79
C ARG A 35 10.73 -10.84 1.49
N PHE A 36 11.54 -10.04 0.80
CA PHE A 36 12.98 -10.28 0.61
C PHE A 36 13.67 -8.93 0.66
N ASP A 37 14.62 -8.79 1.58
CA ASP A 37 15.36 -7.54 1.76
C ASP A 37 16.84 -7.87 1.64
N SER A 38 17.46 -7.39 0.56
CA SER A 38 18.88 -7.66 0.32
C SER A 38 19.80 -7.10 1.38
N ASP A 39 19.33 -6.15 2.21
CA ASP A 39 20.20 -5.52 3.21
C ASP A 39 20.27 -6.30 4.52
N ALA A 40 20.32 -7.62 4.44
CA ALA A 40 20.61 -8.48 5.57
C ALA A 40 21.95 -9.18 5.34
N ALA A 41 22.46 -9.79 6.40
CA ALA A 41 23.74 -10.51 6.34
C ALA A 41 23.70 -11.61 5.29
N SER A 42 22.90 -12.63 5.53
CA SER A 42 22.52 -13.61 4.51
C SER A 42 21.02 -13.47 4.34
N PRO A 43 20.57 -12.62 3.43
CA PRO A 43 19.13 -12.35 3.32
C PRO A 43 18.39 -13.50 2.68
N ARG A 44 17.15 -13.70 3.11
CA ARG A 44 16.31 -14.81 2.65
C ARG A 44 14.90 -14.32 2.42
N THR A 45 14.21 -14.96 1.48
CA THR A 45 12.76 -14.77 1.42
C THR A 45 12.17 -15.21 2.76
N GLU A 46 11.26 -14.41 3.30
CA GLU A 46 10.80 -14.59 4.67
C GLU A 46 9.28 -14.50 4.76
N PRO A 47 8.68 -15.25 5.69
CA PRO A 47 7.22 -15.17 5.85
C PRO A 47 6.78 -13.85 6.49
N ARG A 48 5.65 -13.32 6.01
CA ARG A 48 5.05 -12.16 6.64
C ARG A 48 3.54 -12.35 6.84
N ALA A 49 3.05 -13.58 6.69
CA ALA A 49 1.68 -13.89 7.06
C ALA A 49 1.70 -15.28 7.69
N PRO A 50 0.87 -15.51 8.72
CA PRO A 50 0.91 -16.81 9.41
C PRO A 50 0.72 -18.00 8.49
N TRP A 51 -0.19 -17.92 7.53
CA TRP A 51 -0.62 -19.08 6.75
C TRP A 51 0.39 -19.51 5.69
N VAL A 52 1.49 -18.77 5.52
CA VAL A 52 2.58 -19.22 4.65
C VAL A 52 3.69 -19.88 5.44
N GLU A 53 3.71 -19.71 6.76
CA GLU A 53 4.77 -20.29 7.56
C GLU A 53 4.78 -21.81 7.50
N GLN A 54 3.65 -22.44 7.19
CA GLN A 54 3.63 -23.89 7.07
C GLN A 54 4.39 -24.38 5.85
N GLU A 55 4.80 -23.49 4.95
CA GLU A 55 5.48 -23.95 3.74
C GLU A 55 6.80 -24.61 4.10
N GLY A 56 7.13 -25.68 3.37
CA GLY A 56 8.25 -26.50 3.72
C GLY A 56 9.59 -25.80 3.48
N PRO A 57 10.67 -26.50 3.82
CA PRO A 57 12.01 -25.92 3.65
C PRO A 57 12.40 -25.74 2.19
N GLU A 58 11.98 -26.66 1.31
CA GLU A 58 12.25 -26.50 -0.11
C GLU A 58 11.63 -25.20 -0.64
N TYR A 59 10.44 -24.86 -0.15
CA TYR A 59 9.76 -23.65 -0.61
C TYR A 59 10.64 -22.44 -0.35
N TRP A 60 11.12 -22.31 0.88
CA TRP A 60 11.83 -21.09 1.26
C TRP A 60 13.18 -20.99 0.57
N GLU A 61 13.85 -22.13 0.32
CA GLU A 61 15.12 -22.09 -0.39
C GLU A 61 14.93 -21.71 -1.85
N GLU A 62 13.86 -22.21 -2.49
CA GLU A 62 13.64 -21.89 -3.90
C GLU A 62 13.16 -20.45 -4.08
N GLU A 63 12.29 -19.96 -3.18
CA GLU A 63 11.90 -18.56 -3.26
C GLU A 63 13.06 -17.63 -2.99
N THR A 64 13.97 -18.01 -2.07
CA THR A 64 15.17 -17.23 -1.83
C THR A 64 16.10 -17.25 -3.03
N ARG A 65 16.31 -18.41 -3.63
CA ARG A 65 17.03 -18.48 -4.89
C ARG A 65 16.37 -17.62 -5.97
N ARG A 66 15.04 -17.63 -6.02
CA ARG A 66 14.34 -16.86 -7.04
C ARG A 66 14.55 -15.36 -6.81
N ALA A 67 14.50 -14.92 -5.56
CA ALA A 67 14.72 -13.51 -5.25
C ALA A 67 16.14 -13.08 -5.63
N LYS A 68 17.14 -13.94 -5.36
CA LYS A 68 18.53 -13.59 -5.66
C LYS A 68 18.78 -13.52 -7.16
N ALA A 69 18.13 -14.39 -7.93
CA ALA A 69 18.22 -14.31 -9.38
C ALA A 69 17.61 -13.00 -9.88
N ARG A 70 16.46 -12.60 -9.31
CA ARG A 70 15.82 -11.36 -9.72
C ARG A 70 16.70 -10.17 -9.40
N ALA A 71 17.32 -10.17 -8.21
CA ALA A 71 18.22 -9.10 -7.81
C ALA A 71 19.34 -8.93 -8.84
N GLN A 72 20.01 -10.03 -9.19
CA GLN A 72 21.04 -9.97 -10.22
C GLN A 72 20.48 -9.38 -11.52
N THR A 73 19.30 -9.84 -11.94
CA THR A 73 18.69 -9.30 -13.15
C THR A 73 18.37 -7.82 -12.97
N ASP A 74 17.89 -7.42 -11.79
CA ASP A 74 17.52 -6.02 -11.57
C ASP A 74 18.77 -5.12 -11.63
N ARG A 75 19.87 -5.56 -11.03
CA ARG A 75 21.10 -4.77 -11.08
C ARG A 75 21.58 -4.61 -12.51
N ALA A 76 21.54 -5.69 -13.31
CA ALA A 76 21.87 -5.54 -14.72
C ALA A 76 20.96 -4.52 -15.39
N ASP A 77 19.65 -4.58 -15.10
CA ASP A 77 18.71 -3.68 -15.75
C ASP A 77 18.96 -2.22 -15.33
N LEU A 78 19.33 -1.99 -14.07
CA LEU A 78 19.69 -0.65 -13.63
C LEU A 78 20.86 -0.11 -14.43
N ARG A 79 21.87 -0.94 -14.66
CA ARG A 79 23.00 -0.51 -15.50
C ARG A 79 22.54 -0.21 -16.91
N THR A 80 21.85 -1.16 -17.55
CA THR A 80 21.37 -0.96 -18.92
C THR A 80 20.57 0.33 -19.04
N LEU A 81 19.64 0.55 -18.11
CA LEU A 81 18.78 1.72 -18.19
C LEU A 81 19.58 3.01 -18.04
N ARG A 82 20.55 3.01 -17.13
CA ARG A 82 21.45 4.16 -17.03
C ARG A 82 22.08 4.47 -18.37
N GLY A 83 22.48 3.43 -19.11
CA GLY A 83 23.03 3.64 -20.44
C GLY A 83 22.03 4.21 -21.42
N TYR A 84 20.84 3.58 -21.51
CA TYR A 84 19.85 4.02 -22.50
C TYR A 84 19.58 5.51 -22.39
N TYR A 85 19.51 6.02 -21.16
CA TYR A 85 19.19 7.40 -20.90
C TYR A 85 20.44 8.27 -20.78
N ASN A 86 21.61 7.70 -21.12
CA ASN A 86 22.88 8.45 -21.14
C ASN A 86 23.10 9.21 -19.84
N GLN A 87 22.75 8.58 -18.72
CA GLN A 87 22.80 9.25 -17.43
C GLN A 87 24.15 9.06 -16.77
N SER A 88 24.44 9.95 -15.82
CA SER A 88 25.68 9.91 -15.05
C SER A 88 25.86 8.56 -14.35
N GLU A 89 27.12 8.17 -14.16
CA GLU A 89 27.43 7.02 -13.33
C GLU A 89 27.22 7.33 -11.86
N ALA A 90 27.30 8.61 -11.48
CA ALA A 90 26.92 9.02 -10.15
C ALA A 90 25.41 9.23 -10.11
N GLY A 91 24.84 9.10 -8.92
CA GLY A 91 23.41 9.33 -8.81
C GLY A 91 22.60 8.07 -8.71
N SER A 92 21.82 7.97 -7.64
CA SER A 92 21.01 6.79 -7.39
C SER A 92 19.75 6.82 -8.26
N HIS A 93 19.39 5.67 -8.83
CA HIS A 93 18.16 5.53 -9.60
C HIS A 93 17.34 4.37 -9.06
N THR A 94 16.07 4.33 -9.46
CA THR A 94 15.13 3.37 -8.91
C THR A 94 14.43 2.64 -10.04
N LEU A 95 14.45 1.32 -9.94
CA LEU A 95 13.69 0.43 -10.80
C LEU A 95 12.61 -0.24 -9.95
N GLN A 96 11.40 -0.27 -10.46
CA GLN A 96 10.31 -0.99 -9.82
C GLN A 96 9.61 -1.86 -10.84
N TRP A 97 9.15 -3.02 -10.38
CA TRP A 97 8.35 -3.89 -11.23
C TRP A 97 7.24 -4.49 -10.40
N MET A 98 6.18 -4.90 -11.08
CA MET A 98 5.15 -5.73 -10.47
C MET A 98 4.69 -6.76 -11.50
N ALA A 99 4.15 -7.87 -11.00
CA ALA A 99 3.62 -8.91 -11.87
C ALA A 99 2.73 -9.84 -11.07
N GLY A 100 1.75 -10.45 -11.74
CA GLY A 100 0.93 -11.46 -11.09
C GLY A 100 -0.35 -11.72 -11.83
N CYS A 101 -1.18 -12.55 -11.22
CA CYS A 101 -2.35 -13.09 -11.88
C CYS A 101 -3.61 -12.87 -11.04
N ASP A 102 -4.72 -12.62 -11.72
CA ASP A 102 -6.06 -12.58 -11.15
C ASP A 102 -6.79 -13.88 -11.47
N LEU A 103 -7.37 -14.51 -10.45
CA LEU A 103 -8.09 -15.76 -10.61
C LEU A 103 -9.54 -15.45 -10.97
N GLY A 104 -9.99 -15.93 -12.12
CA GLY A 104 -11.35 -15.73 -12.52
C GLY A 104 -12.24 -16.75 -11.83
N PRO A 105 -13.48 -16.38 -11.52
CA PRO A 105 -14.40 -17.37 -10.92
C PRO A 105 -14.59 -18.61 -11.79
N ASN A 106 -14.18 -18.55 -13.06
CA ASN A 106 -14.09 -19.72 -13.94
C ASN A 106 -13.07 -20.76 -13.47
N GLY A 107 -12.09 -20.36 -12.67
CA GLY A 107 -10.95 -21.19 -12.33
C GLY A 107 -9.70 -20.93 -13.16
N ARG A 108 -9.78 -20.37 -14.35
N ARG A 108 -9.79 -20.39 -14.36
CA ARG A 108 -8.63 -20.03 -15.21
CA ARG A 108 -8.62 -20.02 -15.23
C ARG A 108 -8.16 -18.57 -14.96
C ARG A 108 -8.13 -18.58 -14.93
N LEU A 109 -7.26 -18.07 -15.79
CA LEU A 109 -6.66 -16.74 -15.70
C LEU A 109 -7.62 -15.67 -16.18
N LEU A 110 -7.95 -14.73 -15.30
CA LEU A 110 -8.83 -13.64 -15.70
C LEU A 110 -8.04 -12.47 -16.24
N ARG A 111 -6.93 -12.12 -15.57
CA ARG A 111 -6.09 -11.02 -16.02
C ARG A 111 -4.68 -11.30 -15.52
N GLY A 112 -3.68 -10.83 -16.26
CA GLY A 112 -2.30 -10.98 -15.86
C GLY A 112 -1.59 -9.66 -16.02
N TYR A 113 -0.46 -9.52 -15.30
CA TYR A 113 0.27 -8.27 -15.25
C TYR A 113 1.77 -8.51 -15.26
N HIS A 114 2.48 -7.61 -15.95
CA HIS A 114 3.94 -7.54 -15.89
C HIS A 114 4.28 -6.10 -16.31
N GLN A 115 4.56 -5.24 -15.34
CA GLN A 115 4.76 -3.81 -15.58
C GLN A 115 6.00 -3.34 -14.84
N SER A 116 6.59 -2.26 -15.35
CA SER A 116 7.81 -1.73 -14.75
C SER A 116 7.88 -0.21 -14.87
N ALA A 117 8.68 0.38 -14.00
CA ALA A 117 8.87 1.83 -13.96
C ALA A 117 10.32 2.11 -13.62
N TYR A 118 10.84 3.21 -14.18
CA TYR A 118 12.18 3.70 -13.91
C TYR A 118 12.10 5.13 -13.38
N ASP A 119 12.76 5.39 -12.26
CA ASP A 119 12.71 6.69 -11.60
C ASP A 119 11.28 7.21 -11.48
N GLY A 120 10.35 6.31 -11.21
CA GLY A 120 8.98 6.69 -10.90
C GLY A 120 8.06 6.84 -12.08
N LYS A 121 8.55 6.61 -13.30
CA LYS A 121 7.76 6.77 -14.52
C LYS A 121 7.56 5.41 -15.19
N ASP A 122 6.35 5.18 -15.72
CA ASP A 122 6.08 4.00 -16.54
C ASP A 122 7.20 3.79 -17.55
N TYR A 123 7.64 2.54 -17.66
CA TYR A 123 8.69 2.18 -18.62
C TYR A 123 8.15 1.21 -19.66
N ILE A 124 7.84 -0.03 -19.27
CA ILE A 124 7.27 -1.03 -20.19
C ILE A 124 6.27 -1.88 -19.43
N ALA A 125 5.18 -2.24 -20.11
CA ALA A 125 4.16 -3.07 -19.51
C ALA A 125 3.72 -4.14 -20.51
N LEU A 126 3.40 -5.32 -19.99
CA LEU A 126 2.77 -6.35 -20.79
C LEU A 126 1.34 -5.92 -21.11
N ASN A 127 0.97 -6.02 -22.38
CA ASN A 127 -0.38 -5.67 -22.76
C ASN A 127 -1.39 -6.66 -22.19
N GLU A 128 -2.64 -6.22 -22.13
CA GLU A 128 -3.68 -7.03 -21.51
C GLU A 128 -3.92 -8.33 -22.26
N ASP A 129 -3.60 -8.41 -23.55
CA ASP A 129 -3.76 -9.66 -24.26
C ASP A 129 -2.65 -10.67 -23.97
N LEU A 130 -1.69 -10.30 -23.11
CA LEU A 130 -0.55 -11.14 -22.72
C LEU A 130 0.30 -11.57 -23.90
N ARG A 131 0.21 -10.86 -25.01
CA ARG A 131 0.97 -11.25 -26.22
C ARG A 131 1.92 -10.16 -26.70
N SER A 132 1.75 -8.94 -26.24
CA SER A 132 2.49 -7.80 -26.78
C SER A 132 2.87 -6.85 -25.66
N TRP A 133 3.83 -5.99 -25.94
CA TRP A 133 4.31 -5.01 -24.98
C TRP A 133 3.88 -3.61 -25.39
N ILE A 134 3.69 -2.76 -24.40
CA ILE A 134 3.53 -1.32 -24.58
C ILE A 134 4.75 -0.65 -23.99
N ALA A 135 5.41 0.19 -24.79
CA ALA A 135 6.64 0.87 -24.39
C ALA A 135 6.39 2.35 -24.19
N ALA A 136 6.95 2.92 -23.11
CA ALA A 136 6.72 4.34 -22.82
C ALA A 136 7.55 5.27 -23.68
N ASP A 137 8.77 4.89 -24.06
CA ASP A 137 9.64 5.79 -24.79
C ASP A 137 10.56 4.96 -25.69
N MET A 138 11.53 5.63 -26.31
CA MET A 138 12.40 4.91 -27.24
C MET A 138 13.39 4.01 -26.51
N ALA A 139 13.76 4.37 -25.28
CA ALA A 139 14.55 3.45 -24.48
C ALA A 139 13.76 2.17 -24.21
N ALA A 140 12.48 2.29 -23.85
CA ALA A 140 11.69 1.10 -23.58
C ALA A 140 11.44 0.28 -24.83
N GLN A 141 11.39 0.94 -25.99
CA GLN A 141 11.26 0.21 -27.24
C GLN A 141 12.46 -0.71 -27.46
N ASN A 142 13.63 -0.32 -26.98
CA ASN A 142 14.80 -1.19 -27.06
C ASN A 142 14.58 -2.46 -26.25
N THR A 143 14.07 -2.31 -25.03
CA THR A 143 13.69 -3.49 -24.26
C THR A 143 12.64 -4.31 -25.00
N GLN A 144 11.65 -3.63 -25.59
CA GLN A 144 10.56 -4.34 -26.25
C GLN A 144 11.07 -5.23 -27.38
N ARG A 145 11.96 -4.70 -28.24
CA ARG A 145 12.39 -5.47 -29.41
C ARG A 145 13.16 -6.70 -28.97
N LYS A 146 13.95 -6.56 -27.92
CA LYS A 146 14.73 -7.66 -27.39
C LYS A 146 13.84 -8.71 -26.73
N TRP A 147 12.84 -8.28 -25.97
CA TRP A 147 11.93 -9.24 -25.34
C TRP A 147 11.06 -9.91 -26.40
N GLU A 148 10.78 -9.22 -27.50
CA GLU A 148 10.11 -9.90 -28.61
C GLU A 148 11.04 -10.95 -29.21
N ALA A 149 12.33 -10.67 -29.26
CA ALA A 149 13.27 -11.63 -29.85
C ALA A 149 13.31 -12.93 -29.06
N THR A 150 13.21 -12.86 -27.73
CA THR A 150 13.27 -14.04 -26.89
C THR A 150 11.88 -14.57 -26.53
N ARG A 151 10.83 -14.03 -27.15
CA ARG A 151 9.46 -14.45 -26.90
C ARG A 151 9.15 -14.49 -25.41
N TYR A 152 9.60 -13.45 -24.69
CA TYR A 152 9.45 -13.38 -23.25
C TYR A 152 7.98 -13.32 -22.84
N ALA A 153 7.15 -12.63 -23.62
CA ALA A 153 5.74 -12.49 -23.25
C ALA A 153 5.04 -13.85 -23.22
N GLU A 154 5.30 -14.70 -24.21
CA GLU A 154 4.71 -16.04 -24.25
C GLU A 154 5.21 -16.89 -23.08
N ARG A 155 6.49 -16.78 -22.75
CA ARG A 155 7.05 -17.58 -21.65
C ARG A 155 6.50 -17.10 -20.31
N PHE A 156 6.36 -15.77 -20.15
CA PHE A 156 5.81 -15.28 -18.89
C PHE A 156 4.32 -15.59 -18.79
N ARG A 157 3.60 -15.50 -19.91
CA ARG A 157 2.19 -15.86 -19.92
C ARG A 157 1.99 -17.29 -19.42
N ALA A 158 2.90 -18.20 -19.77
CA ALA A 158 2.79 -19.58 -19.29
C ALA A 158 2.86 -19.63 -17.78
N TYR A 159 3.75 -18.83 -17.17
CA TYR A 159 3.76 -18.77 -15.72
C TYR A 159 2.41 -18.27 -15.18
N LEU A 160 1.90 -17.17 -15.76
CA LEU A 160 0.63 -16.62 -15.30
C LEU A 160 -0.51 -17.63 -15.46
N GLU A 161 -0.51 -18.39 -16.56
CA GLU A 161 -1.65 -19.27 -16.81
C GLU A 161 -1.59 -20.54 -16.00
N GLY A 162 -0.41 -20.94 -15.54
CA GLY A 162 -0.24 -22.20 -14.84
C GLY A 162 0.15 -22.05 -13.38
N PRO A 163 1.44 -21.98 -13.12
CA PRO A 163 1.92 -21.95 -11.71
C PRO A 163 1.40 -20.78 -10.87
N CYS A 164 1.31 -19.58 -11.46
CA CYS A 164 0.78 -18.42 -10.75
C CYS A 164 -0.59 -18.71 -10.16
N LEU A 165 -1.49 -19.24 -10.97
CA LEU A 165 -2.81 -19.59 -10.46
C LEU A 165 -2.76 -20.77 -9.50
N GLU A 166 -1.85 -21.73 -9.75
N GLU A 166 -1.87 -21.73 -9.75
CA GLU A 166 -1.73 -22.89 -8.87
CA GLU A 166 -1.74 -22.89 -8.86
C GLU A 166 -1.33 -22.46 -7.46
C GLU A 166 -1.34 -22.44 -7.45
N TRP A 167 -0.34 -21.57 -7.35
CA TRP A 167 0.10 -21.12 -6.04
C TRP A 167 -0.97 -20.25 -5.38
N LEU A 168 -1.61 -19.37 -6.15
CA LEU A 168 -2.66 -18.53 -5.60
C LEU A 168 -3.78 -19.38 -4.99
N ARG A 169 -4.25 -20.41 -5.70
CA ARG A 169 -5.28 -21.30 -5.16
C ARG A 169 -4.82 -21.94 -3.85
N ARG A 170 -3.58 -22.42 -3.83
CA ARG A 170 -3.01 -22.97 -2.60
C ARG A 170 -3.08 -21.96 -1.47
N TYR A 171 -2.51 -20.77 -1.66
CA TYR A 171 -2.52 -19.76 -0.59
C TYR A 171 -3.93 -19.47 -0.13
N LEU A 172 -4.86 -19.33 -1.07
CA LEU A 172 -6.24 -19.00 -0.72
C LEU A 172 -6.84 -20.04 0.20
N GLU A 173 -6.50 -21.33 -0.03
CA GLU A 173 -6.99 -22.41 0.82
C GLU A 173 -6.31 -22.41 2.19
N ASN A 174 -4.98 -22.26 2.22
CA ASN A 174 -4.27 -22.29 3.50
C ASN A 174 -4.62 -21.11 4.40
N GLY A 175 -4.94 -19.95 3.83
CA GLY A 175 -5.25 -18.80 4.65
C GLY A 175 -6.71 -18.42 4.59
N LYS A 176 -7.56 -19.39 4.24
CA LYS A 176 -8.96 -19.09 3.96
C LYS A 176 -9.64 -18.36 5.11
N GLU A 177 -9.29 -18.65 6.36
CA GLU A 177 -10.03 -18.07 7.49
C GLU A 177 -9.83 -16.56 7.60
N THR A 178 -8.79 -16.00 6.99
CA THR A 178 -8.61 -14.56 6.94
C THR A 178 -8.72 -14.01 5.52
N LEU A 179 -8.06 -14.69 4.56
CA LEU A 179 -8.07 -14.20 3.18
C LEU A 179 -9.46 -14.25 2.56
N GLN A 180 -10.28 -15.23 2.94
CA GLN A 180 -11.61 -15.34 2.36
C GLN A 180 -12.69 -14.84 3.31
N HIS A 181 -12.32 -14.07 4.33
CA HIS A 181 -13.27 -13.47 5.26
C HIS A 181 -13.32 -11.97 5.00
N ALA A 182 -14.46 -11.48 4.49
CA ALA A 182 -14.65 -10.04 4.39
C ALA A 182 -14.99 -9.52 5.79
N ASP A 183 -14.03 -8.83 6.40
CA ASP A 183 -14.21 -8.08 7.64
C ASP A 183 -15.03 -6.82 7.36
N PRO A 184 -16.24 -6.69 7.89
CA PRO A 184 -17.02 -5.49 7.64
C PRO A 184 -16.47 -4.32 8.42
N PRO A 185 -16.60 -3.11 7.91
CA PRO A 185 -16.18 -1.95 8.71
C PRO A 185 -17.07 -1.81 9.93
N LYS A 186 -16.46 -1.53 11.08
CA LYS A 186 -17.19 -0.95 12.20
C LYS A 186 -17.31 0.55 11.95
N THR A 187 -18.52 1.08 12.07
CA THR A 187 -18.78 2.45 11.64
C THR A 187 -19.48 3.26 12.72
N HIS A 188 -19.21 4.57 12.72
CA HIS A 188 -19.94 5.49 13.58
C HIS A 188 -19.72 6.91 13.09
N VAL A 189 -20.47 7.83 13.68
CA VAL A 189 -20.41 9.25 13.33
C VAL A 189 -20.12 10.06 14.57
N THR A 190 -19.11 10.92 14.50
CA THR A 190 -18.72 11.81 15.59
C THR A 190 -19.05 13.24 15.22
N HIS A 191 -19.16 14.08 16.25
CA HIS A 191 -19.65 15.45 16.15
C HIS A 191 -18.62 16.37 16.79
N HIS A 192 -18.19 17.39 16.03
CA HIS A 192 -17.15 18.31 16.50
C HIS A 192 -17.54 19.74 16.12
N PRO A 193 -18.05 20.53 17.08
CA PRO A 193 -18.43 21.91 16.77
C PRO A 193 -17.25 22.71 16.23
N VAL A 194 -17.52 23.46 15.16
CA VAL A 194 -16.54 24.34 14.53
C VAL A 194 -16.69 25.78 15.01
N SER A 195 -17.93 26.23 15.12
CA SER A 195 -18.22 27.60 15.58
C SER A 195 -19.56 27.58 16.29
N ASP A 196 -20.02 28.78 16.67
CA ASP A 196 -21.32 28.93 17.29
C ASP A 196 -22.45 28.45 16.40
N HIS A 197 -22.20 28.29 15.09
CA HIS A 197 -23.24 27.90 14.15
C HIS A 197 -22.85 26.82 13.15
N GLU A 198 -21.63 26.27 13.23
CA GLU A 198 -21.29 25.16 12.36
C GLU A 198 -20.56 24.07 13.15
N ALA A 199 -20.71 22.83 12.67
CA ALA A 199 -20.07 21.70 13.32
C ALA A 199 -19.62 20.71 12.25
N THR A 200 -18.63 19.90 12.62
CA THR A 200 -18.11 18.84 11.75
C THR A 200 -18.74 17.50 12.12
N LEU A 201 -19.36 16.84 11.14
CA LEU A 201 -19.73 15.43 11.23
C LEU A 201 -18.64 14.58 10.57
N ARG A 202 -17.98 13.73 11.35
CA ARG A 202 -16.98 12.81 10.84
C ARG A 202 -17.52 11.37 10.86
N CYS A 203 -17.55 10.73 9.70
CA CYS A 203 -18.05 9.36 9.54
C CYS A 203 -16.88 8.39 9.44
N TRP A 204 -16.83 7.41 10.34
CA TRP A 204 -15.70 6.51 10.49
C TRP A 204 -16.04 5.13 9.97
N ALA A 205 -15.07 4.51 9.28
CA ALA A 205 -15.15 3.10 8.90
C ALA A 205 -13.84 2.45 9.34
N LEU A 206 -13.92 1.48 10.25
CA LEU A 206 -12.75 0.94 10.92
C LEU A 206 -12.72 -0.59 10.86
N GLY A 207 -11.50 -1.14 10.68
CA GLY A 207 -11.25 -2.56 10.74
C GLY A 207 -11.79 -3.36 9.58
N PHE A 208 -11.84 -2.79 8.38
CA PHE A 208 -12.42 -3.52 7.27
C PHE A 208 -11.34 -4.18 6.42
N TYR A 209 -11.71 -5.32 5.82
CA TYR A 209 -10.87 -6.00 4.84
C TYR A 209 -11.82 -6.64 3.83
N PRO A 210 -11.56 -6.48 2.52
CA PRO A 210 -10.41 -5.85 1.87
C PRO A 210 -10.46 -4.31 1.87
N ALA A 211 -9.40 -3.71 1.31
CA ALA A 211 -9.23 -2.25 1.39
C ALA A 211 -10.34 -1.50 0.66
N GLU A 212 -10.89 -2.06 -0.40
CA GLU A 212 -11.79 -1.29 -1.25
C GLU A 212 -13.09 -0.96 -0.49
N ILE A 213 -13.49 0.30 -0.57
CA ILE A 213 -14.62 0.80 0.19
C ILE A 213 -15.10 2.09 -0.46
N THR A 214 -16.40 2.38 -0.32
CA THR A 214 -16.92 3.68 -0.70
C THR A 214 -17.60 4.31 0.51
N LEU A 215 -17.38 5.61 0.68
CA LEU A 215 -17.83 6.35 1.85
C LEU A 215 -18.21 7.74 1.37
N THR A 216 -19.50 8.10 1.43
CA THR A 216 -19.94 9.41 0.97
C THR A 216 -20.86 10.04 2.01
N TRP A 217 -20.95 11.37 1.95
CA TRP A 217 -21.92 12.12 2.73
C TRP A 217 -23.03 12.57 1.79
N GLN A 218 -24.26 12.58 2.30
CA GLN A 218 -25.39 13.12 1.54
C GLN A 218 -26.19 14.10 2.41
N ARG A 219 -26.70 15.16 1.77
N ARG A 219 -26.69 15.16 1.76
CA ARG A 219 -27.57 16.14 2.39
CA ARG A 219 -27.57 16.14 2.40
C ARG A 219 -28.89 16.12 1.65
C ARG A 219 -28.89 16.12 1.65
N ASP A 220 -29.97 15.73 2.33
CA ASP A 220 -31.28 15.56 1.70
C ASP A 220 -31.20 14.61 0.51
N GLY A 221 -30.35 13.58 0.61
CA GLY A 221 -30.21 12.59 -0.44
C GLY A 221 -29.31 12.99 -1.59
N GLU A 222 -28.71 14.17 -1.54
CA GLU A 222 -27.81 14.63 -2.60
C GLU A 222 -26.37 14.58 -2.11
N ASP A 223 -25.47 14.18 -3.00
CA ASP A 223 -24.11 13.83 -2.62
C ASP A 223 -23.27 15.09 -2.45
N GLN A 224 -22.57 15.18 -1.30
CA GLN A 224 -21.89 16.41 -0.90
C GLN A 224 -20.48 16.47 -1.47
N THR A 225 -20.15 17.60 -2.09
CA THR A 225 -18.82 17.80 -2.64
C THR A 225 -18.11 19.07 -2.16
N GLN A 226 -18.81 19.97 -1.46
CA GLN A 226 -18.19 21.14 -0.86
C GLN A 226 -18.08 20.96 0.64
N ASP A 227 -17.12 21.66 1.26
CA ASP A 227 -16.92 21.63 2.71
C ASP A 227 -16.75 20.21 3.24
N ILE A 228 -15.97 19.38 2.53
CA ILE A 228 -15.73 17.99 2.96
C ILE A 228 -14.23 17.73 3.03
N GLU A 229 -13.87 16.66 3.74
CA GLU A 229 -12.56 16.03 3.60
C GLU A 229 -12.69 14.53 3.79
N PHE A 230 -12.20 13.76 2.80
CA PHE A 230 -12.07 12.32 2.91
C PHE A 230 -10.59 11.96 2.95
N VAL A 231 -10.19 11.19 3.93
CA VAL A 231 -8.79 10.79 3.95
C VAL A 231 -8.63 9.53 3.12
N GLU A 232 -7.44 9.37 2.54
N GLU A 232 -7.45 9.37 2.54
CA GLU A 232 -7.14 8.14 1.82
CA GLU A 232 -7.13 8.14 1.83
C GLU A 232 -7.24 6.96 2.77
C GLU A 232 -7.25 6.96 2.77
N THR A 233 -7.70 5.83 2.22
CA THR A 233 -7.75 4.58 2.98
C THR A 233 -6.36 4.27 3.54
N ARG A 234 -6.33 3.89 4.80
CA ARG A 234 -5.07 3.73 5.50
C ARG A 234 -5.06 2.43 6.29
N PRO A 235 -3.88 1.82 6.48
CA PRO A 235 -3.80 0.56 7.24
C PRO A 235 -3.86 0.79 8.74
N ALA A 236 -4.62 -0.08 9.43
CA ALA A 236 -4.65 -0.05 10.88
C ALA A 236 -3.40 -0.66 11.50
N GLY A 237 -2.67 -1.49 10.73
CA GLY A 237 -1.52 -2.21 11.24
C GLY A 237 -1.77 -3.69 11.53
N ASP A 238 -3.03 -4.09 11.66
CA ASP A 238 -3.39 -5.46 11.98
C ASP A 238 -3.87 -6.24 10.77
N GLY A 239 -3.67 -5.69 9.56
CA GLY A 239 -4.14 -6.33 8.34
C GLY A 239 -5.45 -5.78 7.82
N THR A 240 -6.15 -4.98 8.62
CA THR A 240 -7.38 -4.33 8.21
C THR A 240 -7.09 -2.85 7.92
N PHE A 241 -8.13 -2.11 7.52
CA PHE A 241 -7.98 -0.74 7.03
C PHE A 241 -8.98 0.19 7.71
N GLN A 242 -8.74 1.49 7.54
CA GLN A 242 -9.57 2.56 8.08
C GLN A 242 -9.81 3.63 7.03
N LYS A 243 -10.92 4.35 7.18
CA LYS A 243 -11.20 5.51 6.34
C LYS A 243 -12.22 6.36 7.10
N TRP A 244 -12.11 7.69 6.95
CA TRP A 244 -13.18 8.56 7.42
C TRP A 244 -13.46 9.66 6.41
N GLY A 245 -14.67 10.19 6.51
CA GLY A 245 -15.10 11.34 5.73
C GLY A 245 -15.82 12.35 6.62
N ALA A 246 -15.41 13.63 6.54
CA ALA A 246 -15.95 14.68 7.39
C ALA A 246 -16.61 15.76 6.55
N VAL A 247 -17.71 16.31 7.06
CA VAL A 247 -18.46 17.36 6.38
C VAL A 247 -18.88 18.41 7.41
N VAL A 248 -18.74 19.68 7.03
CA VAL A 248 -19.10 20.80 7.89
C VAL A 248 -20.55 21.19 7.60
N VAL A 249 -21.36 21.25 8.64
CA VAL A 249 -22.81 21.37 8.48
C VAL A 249 -23.32 22.49 9.39
N PRO A 250 -24.47 23.08 9.07
CA PRO A 250 -25.05 24.09 9.96
C PRO A 250 -25.51 23.46 11.27
N SER A 251 -25.10 24.07 12.38
CA SER A 251 -25.58 23.62 13.69
C SER A 251 -27.10 23.57 13.70
N GLY A 252 -27.66 22.42 14.03
CA GLY A 252 -29.08 22.22 14.04
C GLY A 252 -29.65 21.59 12.78
N GLU A 253 -28.86 21.43 11.71
CA GLU A 253 -29.30 20.68 10.55
C GLU A 253 -28.55 19.36 10.37
N GLU A 254 -27.96 18.83 11.45
CA GLU A 254 -27.19 17.59 11.39
C GLU A 254 -28.00 16.44 10.81
N GLN A 255 -29.28 16.32 11.20
CA GLN A 255 -30.06 15.16 10.83
C GLN A 255 -30.39 15.10 9.34
N ARG A 256 -30.20 16.21 8.61
CA ARG A 256 -30.32 16.20 7.17
C ARG A 256 -29.17 15.49 6.48
N TYR A 257 -28.15 15.08 7.23
CA TYR A 257 -26.93 14.53 6.64
C TYR A 257 -26.85 13.05 6.92
N THR A 258 -26.56 12.27 5.88
CA THR A 258 -26.42 10.82 5.99
C THR A 258 -25.08 10.38 5.41
N CYS A 259 -24.42 9.47 6.11
CA CYS A 259 -23.18 8.86 5.65
C CYS A 259 -23.50 7.53 4.96
N HIS A 260 -22.98 7.34 3.77
CA HIS A 260 -23.26 6.14 2.99
C HIS A 260 -21.98 5.33 2.79
N VAL A 261 -22.04 4.05 3.14
CA VAL A 261 -20.86 3.19 3.24
C VAL A 261 -21.14 1.87 2.55
N GLN A 262 -20.37 1.55 1.51
CA GLN A 262 -20.47 0.26 0.82
C GLN A 262 -19.18 -0.51 0.97
N HIS A 263 -19.28 -1.78 1.30
CA HIS A 263 -18.11 -2.64 1.48
C HIS A 263 -18.54 -4.08 1.27
N LYS A 264 -17.62 -4.89 0.74
CA LYS A 264 -17.87 -6.31 0.50
C LYS A 264 -18.38 -7.02 1.74
N GLY A 265 -17.94 -6.57 2.92
CA GLY A 265 -18.37 -7.14 4.18
C GLY A 265 -19.73 -6.68 4.65
N LEU A 266 -20.36 -5.77 3.92
CA LEU A 266 -21.69 -5.29 4.27
C LEU A 266 -22.72 -5.93 3.34
N PRO A 267 -23.64 -6.76 3.86
CA PRO A 267 -24.67 -7.33 2.98
C PRO A 267 -25.44 -6.28 2.23
N GLU A 268 -25.79 -5.19 2.91
N GLU A 268 -25.83 -5.21 2.93
CA GLU A 268 -26.49 -4.06 2.33
CA GLU A 268 -26.46 -4.06 2.31
C GLU A 268 -25.65 -2.81 2.51
C GLU A 268 -25.59 -2.84 2.46
N PRO A 269 -25.73 -1.85 1.58
CA PRO A 269 -25.05 -0.57 1.80
C PRO A 269 -25.60 0.08 3.06
N LEU A 270 -24.69 0.74 3.78
CA LEU A 270 -24.97 1.27 5.10
C LEU A 270 -25.33 2.75 5.01
N THR A 271 -26.35 3.15 5.77
CA THR A 271 -26.71 4.55 5.94
C THR A 271 -26.58 4.92 7.41
N LEU A 272 -25.89 6.02 7.67
CA LEU A 272 -25.53 6.41 9.02
C LEU A 272 -25.82 7.89 9.24
N ARG A 273 -26.15 8.18 10.49
CA ARG A 273 -26.50 9.52 10.93
C ARG A 273 -25.87 9.74 12.29
N TRP A 274 -25.60 11.01 12.61
CA TRP A 274 -25.16 11.33 13.95
C TRP A 274 -26.28 11.02 14.95
N GLU A 275 -25.94 10.32 16.02
CA GLU A 275 -26.91 9.82 16.99
C GLU A 275 -26.48 10.37 18.35
N PRO A 276 -26.91 11.59 18.70
CA PRO A 276 -26.57 12.17 20.00
C PRO A 276 -27.19 11.35 21.11
N ALA B 1 12.48 11.38 -14.73
CA ALA B 1 12.36 11.14 -13.30
C ALA B 1 11.35 12.09 -12.67
N ILE B 2 10.39 11.57 -11.92
CA ILE B 2 9.51 12.40 -11.12
C ILE B 2 9.84 12.18 -9.64
N GLN B 3 9.76 13.26 -8.86
CA GLN B 3 9.87 13.19 -7.40
C GLN B 3 8.54 13.60 -6.80
N ARG B 4 8.14 12.95 -5.70
CA ARG B 4 6.84 13.22 -5.10
C ARG B 4 6.94 13.41 -3.59
N THR B 5 6.19 14.38 -3.08
CA THR B 5 6.26 14.72 -1.66
C THR B 5 5.41 13.77 -0.84
N PRO B 6 5.91 13.25 0.28
CA PRO B 6 5.12 12.34 1.11
C PRO B 6 3.90 12.99 1.72
N LYS B 7 2.78 12.28 1.65
CA LYS B 7 1.63 12.57 2.49
C LYS B 7 1.77 11.84 3.83
N ILE B 8 1.17 12.40 4.88
CA ILE B 8 1.40 11.92 6.23
C ILE B 8 0.07 11.86 6.96
N GLN B 9 -0.27 10.68 7.50
CA GLN B 9 -1.37 10.54 8.46
C GLN B 9 -0.84 9.98 9.76
N VAL B 10 -1.23 10.61 10.87
CA VAL B 10 -0.92 10.15 12.22
C VAL B 10 -2.22 9.78 12.90
N TYR B 11 -2.27 8.60 13.51
CA TYR B 11 -3.52 8.07 14.04
C TYR B 11 -3.24 6.83 14.87
N SER B 12 -4.25 6.39 15.60
CA SER B 12 -4.15 5.20 16.43
C SER B 12 -4.81 4.00 15.77
N ARG B 13 -4.34 2.80 16.12
CA ARG B 13 -4.95 1.60 15.55
C ARG B 13 -6.42 1.49 15.96
N HIS B 14 -6.71 1.72 17.23
CA HIS B 14 -8.07 1.65 17.76
C HIS B 14 -8.48 3.00 18.31
N PRO B 15 -9.80 3.25 18.43
CA PRO B 15 -10.26 4.49 19.07
C PRO B 15 -9.56 4.69 20.39
N PRO B 16 -9.00 5.87 20.62
CA PRO B 16 -8.12 6.04 21.78
C PRO B 16 -8.93 6.21 23.07
N GLU B 17 -8.42 5.61 24.14
CA GLU B 17 -8.99 5.76 25.47
C GLU B 17 -7.83 5.84 26.46
N ASN B 18 -7.91 6.80 27.38
CA ASN B 18 -6.84 6.95 28.33
C ASN B 18 -6.70 5.69 29.17
N GLY B 19 -5.48 5.21 29.32
CA GLY B 19 -5.19 4.02 30.08
C GLY B 19 -5.31 2.72 29.32
N LYS B 20 -5.85 2.77 28.10
CA LYS B 20 -6.02 1.57 27.30
C LYS B 20 -4.88 1.45 26.31
N PRO B 21 -4.06 0.42 26.41
CA PRO B 21 -2.96 0.23 25.45
C PRO B 21 -3.44 0.19 24.01
N ASN B 22 -2.58 0.66 23.11
CA ASN B 22 -2.96 0.96 21.73
C ASN B 22 -1.69 1.01 20.88
N PHE B 23 -1.86 1.29 19.60
CA PHE B 23 -0.76 1.46 18.65
C PHE B 23 -0.87 2.84 18.01
N LEU B 24 0.25 3.54 17.97
CA LEU B 24 0.36 4.83 17.32
C LEU B 24 0.90 4.63 15.91
N ASN B 25 0.14 5.06 14.90
CA ASN B 25 0.50 4.85 13.50
C ASN B 25 0.88 6.19 12.86
N CYS B 26 1.95 6.16 12.06
CA CYS B 26 2.28 7.22 11.13
C CYS B 26 2.42 6.61 9.75
N TYR B 27 1.43 6.84 8.90
CA TYR B 27 1.39 6.29 7.55
C TYR B 27 1.90 7.36 6.59
N VAL B 28 3.00 7.06 5.90
CA VAL B 28 3.55 7.96 4.89
C VAL B 28 3.33 7.31 3.53
N SER B 29 2.83 8.08 2.57
CA SER B 29 2.44 7.53 1.28
C SER B 29 2.65 8.55 0.18
N GLY B 30 2.56 8.07 -1.06
CA GLY B 30 2.62 8.95 -2.21
C GLY B 30 3.96 9.60 -2.48
N PHE B 31 5.06 9.07 -1.94
CA PHE B 31 6.36 9.72 -2.10
C PHE B 31 7.26 8.95 -3.07
N HIS B 32 8.25 9.69 -3.63
CA HIS B 32 9.24 9.15 -4.55
C HIS B 32 10.39 10.14 -4.58
N PRO B 33 11.66 9.68 -4.45
CA PRO B 33 12.11 8.28 -4.32
C PRO B 33 11.91 7.70 -2.92
N SER B 34 12.47 6.51 -2.65
CA SER B 34 12.03 5.72 -1.50
C SER B 34 12.75 6.08 -0.18
N ASP B 35 13.95 6.65 -0.23
CA ASP B 35 14.63 7.01 1.02
C ASP B 35 13.81 8.04 1.80
N ILE B 36 13.61 7.78 3.08
CA ILE B 36 12.70 8.58 3.91
C ILE B 36 13.00 8.26 5.35
N GLU B 37 12.94 9.27 6.21
CA GLU B 37 13.18 9.11 7.62
C GLU B 37 11.93 9.54 8.35
N VAL B 38 11.43 8.68 9.24
CA VAL B 38 10.17 8.91 9.93
C VAL B 38 10.38 8.63 11.41
N ASP B 39 10.08 9.62 12.25
CA ASP B 39 10.17 9.45 13.69
C ASP B 39 8.81 9.64 14.33
N LEU B 40 8.59 8.92 15.42
CA LEU B 40 7.44 9.12 16.27
C LEU B 40 7.91 9.84 17.52
N LEU B 41 7.23 10.93 17.85
CA LEU B 41 7.64 11.84 18.91
C LEU B 41 6.65 11.79 20.06
N LYS B 42 7.17 11.58 21.26
CA LYS B 42 6.40 11.65 22.50
C LYS B 42 6.87 12.90 23.26
N ASN B 43 5.97 13.88 23.36
CA ASN B 43 6.28 15.19 23.92
C ASN B 43 7.57 15.76 23.30
N GLY B 44 7.63 15.72 21.97
CA GLY B 44 8.76 16.27 21.24
C GLY B 44 10.01 15.42 21.23
N GLU B 45 9.93 14.16 21.66
CA GLU B 45 11.10 13.31 21.80
C GLU B 45 10.91 12.04 20.98
N LYS B 46 11.95 11.67 20.23
CA LYS B 46 11.90 10.47 19.40
C LYS B 46 11.67 9.22 20.26
N MET B 47 10.62 8.47 19.94
CA MET B 47 10.35 7.21 20.61
C MET B 47 11.24 6.11 20.04
N GLY B 48 11.76 5.27 20.93
CA GLY B 48 12.42 4.06 20.52
C GLY B 48 11.41 2.97 20.24
N LYS B 49 11.91 1.82 19.76
CA LYS B 49 11.06 0.67 19.47
C LYS B 49 9.91 1.03 18.53
N VAL B 50 10.20 1.86 17.54
CA VAL B 50 9.29 2.11 16.43
C VAL B 50 9.65 1.15 15.30
N GLU B 51 8.68 0.38 14.84
CA GLU B 51 8.86 -0.55 13.73
C GLU B 51 8.13 -0.03 12.50
N HIS B 52 8.46 -0.62 11.34
CA HIS B 52 7.84 -0.17 10.10
C HIS B 52 7.57 -1.36 9.19
N SER B 53 6.66 -1.14 8.25
CA SER B 53 6.33 -2.16 7.27
C SER B 53 7.42 -2.24 6.19
N ASP B 54 7.30 -3.26 5.32
CA ASP B 54 8.23 -3.42 4.20
C ASP B 54 7.84 -2.49 3.06
N LEU B 55 8.85 -1.88 2.44
CA LEU B 55 8.61 -0.91 1.37
C LEU B 55 7.69 -1.51 0.31
N SER B 56 6.59 -0.81 0.04
CA SER B 56 5.66 -1.19 -1.02
C SER B 56 5.25 0.10 -1.73
N PHE B 57 4.44 -0.04 -2.78
CA PHE B 57 4.09 1.12 -3.56
C PHE B 57 2.74 0.89 -4.22
N SER B 58 2.13 2.00 -4.65
CA SER B 58 0.77 2.05 -5.17
C SER B 58 0.78 1.98 -6.69
N LYS B 59 -0.41 2.10 -7.28
CA LYS B 59 -0.54 1.91 -8.73
C LYS B 59 0.20 2.98 -9.53
N ASP B 60 0.42 4.16 -8.96
CA ASP B 60 1.21 5.18 -9.66
C ASP B 60 2.69 5.05 -9.37
N TRP B 61 3.13 3.96 -8.75
CA TRP B 61 4.51 3.63 -8.42
C TRP B 61 5.05 4.43 -7.23
N SER B 62 4.26 5.31 -6.60
CA SER B 62 4.74 6.01 -5.43
C SER B 62 4.67 5.09 -4.21
N PHE B 63 5.66 5.24 -3.32
CA PHE B 63 5.87 4.37 -2.17
C PHE B 63 4.98 4.73 -0.99
N TYR B 64 4.75 3.75 -0.13
CA TYR B 64 4.11 3.98 1.15
C TYR B 64 4.73 3.07 2.19
N LEU B 65 4.66 3.52 3.44
CA LEU B 65 5.23 2.84 4.59
C LEU B 65 4.34 3.16 5.79
N LEU B 66 4.18 2.17 6.68
CA LEU B 66 3.53 2.38 7.97
C LEU B 66 4.57 2.26 9.07
N TYR B 67 4.73 3.32 9.86
CA TYR B 67 5.52 3.25 11.07
C TYR B 67 4.57 3.17 12.25
N TYR B 68 4.94 2.38 13.26
CA TYR B 68 4.02 2.15 14.36
C TYR B 68 4.80 1.81 15.62
N THR B 69 4.18 2.10 16.77
CA THR B 69 4.72 1.66 18.06
C THR B 69 3.58 1.53 19.05
N GLU B 70 3.83 0.76 20.10
CA GLU B 70 2.86 0.62 21.17
C GLU B 70 2.86 1.87 22.02
N PHE B 71 1.67 2.24 22.45
CA PHE B 71 1.51 3.38 23.38
C PHE B 71 0.18 3.25 24.10
N THR B 72 0.11 3.91 25.25
CA THR B 72 -1.10 3.96 26.05
C THR B 72 -1.40 5.44 26.22
N PRO B 73 -2.40 5.96 25.53
CA PRO B 73 -2.70 7.39 25.65
C PRO B 73 -3.13 7.76 27.06
N ASN B 74 -2.93 9.04 27.37
CA ASN B 74 -3.38 9.63 28.63
C ASN B 74 -3.51 11.13 28.39
N GLU B 75 -4.15 11.83 29.34
CA GLU B 75 -4.50 13.23 29.09
C GLU B 75 -3.30 14.18 29.15
N LYS B 76 -2.08 13.69 29.38
CA LYS B 76 -0.89 14.53 29.49
C LYS B 76 0.06 14.45 28.30
N ASP B 77 0.14 13.30 27.63
CA ASP B 77 1.17 13.08 26.61
C ASP B 77 0.70 13.55 25.24
N GLU B 78 1.60 14.21 24.53
CA GLU B 78 1.36 14.68 23.17
C GLU B 78 2.24 13.91 22.21
N TYR B 79 1.66 13.48 21.09
CA TYR B 79 2.37 12.66 20.11
C TYR B 79 2.37 13.32 18.74
N ALA B 80 3.44 13.06 17.98
CA ALA B 80 3.51 13.58 16.62
C ALA B 80 4.38 12.65 15.78
N CYS B 81 4.26 12.81 14.48
CA CYS B 81 5.14 12.12 13.53
C CYS B 81 5.93 13.14 12.75
N ARG B 82 7.23 12.88 12.58
CA ARG B 82 8.14 13.81 11.94
C ARG B 82 8.87 13.12 10.80
N VAL B 83 8.85 13.72 9.62
CA VAL B 83 9.23 13.09 8.37
C VAL B 83 10.31 13.93 7.69
N ASN B 84 11.36 13.28 7.20
CA ASN B 84 12.34 13.92 6.34
C ASN B 84 12.40 13.19 5.01
N HIS B 85 12.42 13.97 3.92
CA HIS B 85 12.45 13.42 2.57
C HIS B 85 13.12 14.45 1.66
N VAL B 86 13.66 13.96 0.54
CA VAL B 86 14.42 14.85 -0.33
C VAL B 86 13.53 15.95 -0.91
N THR B 87 12.24 15.69 -1.08
CA THR B 87 11.32 16.71 -1.58
C THR B 87 11.00 17.79 -0.54
N LEU B 88 11.35 17.60 0.73
CA LEU B 88 10.95 18.50 1.79
C LEU B 88 12.15 19.32 2.24
N SER B 89 11.95 20.63 2.36
CA SER B 89 12.99 21.51 2.90
C SER B 89 12.82 21.52 4.42
N GLY B 90 13.59 20.66 5.10
CA GLY B 90 13.45 20.49 6.53
C GLY B 90 12.35 19.50 6.85
N PRO B 91 12.32 19.02 8.09
CA PRO B 91 11.32 18.00 8.46
C PRO B 91 9.92 18.57 8.50
N ARG B 92 8.95 17.72 8.14
CA ARG B 92 7.55 18.04 8.27
C ARG B 92 6.99 17.27 9.46
N THR B 93 6.34 17.98 10.38
CA THR B 93 5.82 17.39 11.61
C THR B 93 4.31 17.50 11.63
N VAL B 94 3.64 16.39 11.94
CA VAL B 94 2.19 16.33 12.03
C VAL B 94 1.82 15.83 13.42
N LYS B 95 0.99 16.57 14.12
CA LYS B 95 0.59 16.22 15.47
C LYS B 95 -0.50 15.15 15.45
N TRP B 96 -0.47 14.27 16.44
CA TRP B 96 -1.60 13.35 16.61
C TRP B 96 -2.82 14.12 17.11
N ASP B 97 -3.93 13.98 16.40
CA ASP B 97 -5.23 14.51 16.79
C ASP B 97 -6.16 13.31 17.05
N ARG B 98 -6.72 13.25 18.26
CA ARG B 98 -7.55 12.11 18.68
C ARG B 98 -8.82 11.97 17.86
N ASP B 99 -9.24 13.03 17.17
CA ASP B 99 -10.49 13.02 16.44
C ASP B 99 -10.30 12.71 14.96
N MET B 100 -9.10 12.29 14.57
CA MET B 100 -8.79 11.95 13.17
C MET B 100 -7.94 10.69 13.01
#